data_5VDK
#
_entry.id   5VDK
#
_cell.length_a   68.810
_cell.length_b   68.810
_cell.length_c   58.040
_cell.angle_alpha   90.00
_cell.angle_beta   90.00
_cell.angle_gamma   120.00
#
_symmetry.space_group_name_H-M   'P 32'
#
loop_
_entity.id
_entity.type
_entity.pdbx_description
1 polymer 'Wee1-like protein kinase 2'
2 non-polymer 1-[6-(2-hydroxypropan-2-yl)pyridin-2-yl]-6-{[4-(4-methylpiperazin-1-yl)phenyl]amino}-2-(prop-2-en-1-yl)-1,2-dihydro-3H-pyrazolo[3,4-d]pyrimidin-3-one
3 non-polymer 'PHOSPHATE ION'
4 water water
#
_entity_poly.entity_id   1
_entity_poly.type   'polypeptide(L)'
_entity_poly.pdbx_seq_one_letter_code
;GPEFGSTNMASRYEKEFLEVEKIGVGEFGTVYKCIKRLDGCVYAIKRSMKTFTELSNENSALHEVYAHAVLGHHPHVVRY
YSSWAEDDHMIIQNEYCNGGSLQAAISENTKSGNHFEEPKLKDILLQISLGLNYIHNSSMVHLDIKPSNIFICHKMQSES
SGVIEEVENEADWFLSANVMYKIGDLGHATSINKPKVEEGDSRFLANEILQEDYRHLPKADIFALGLTIAVAAGAESLPT
NGAAWHHIRKGNFPDVPQELSESFSSLLKNMIQPDAEQRPSAAALARNTVLRPSLGK
;
_entity_poly.pdbx_strand_id   A
#
loop_
_chem_comp.id
_chem_comp.type
_chem_comp.name
_chem_comp.formula
8X7 non-polymer 1-[6-(2-hydroxypropan-2-yl)pyridin-2-yl]-6-{[4-(4-methylpiperazin-1-yl)phenyl]amino}-2-(prop-2-en-1-yl)-1,2-dihydro-3H-pyrazolo[3,4-d]pyrimidin-3-one 'C27 H32 N8 O2'
PO4 non-polymer 'PHOSPHATE ION' 'O4 P -3'
#
# COMPACT_ATOMS: atom_id res chain seq x y z
N MET A 9 25.31 13.86 24.46
CA MET A 9 23.89 14.02 24.77
C MET A 9 23.13 14.41 23.50
N ALA A 10 23.10 13.50 22.54
CA ALA A 10 22.51 13.74 21.24
C ALA A 10 21.15 13.03 21.14
N SER A 11 20.63 12.93 19.93
CA SER A 11 19.31 12.34 19.73
C SER A 11 19.40 10.82 19.68
N ARG A 12 18.29 10.17 20.08
CA ARG A 12 18.20 8.72 20.00
C ARG A 12 18.55 8.22 18.61
N TYR A 13 18.10 8.95 17.57
CA TYR A 13 18.33 8.53 16.20
C TYR A 13 19.79 8.71 15.79
N GLU A 14 20.44 9.74 16.31
CA GLU A 14 21.87 9.93 16.05
C GLU A 14 22.70 8.86 16.77
N LYS A 15 22.37 8.59 18.03
CA LYS A 15 23.17 7.67 18.82
C LYS A 15 22.96 6.21 18.41
N GLU A 16 21.77 5.88 17.92
CA GLU A 16 21.43 4.50 17.61
C GLU A 16 21.66 4.12 16.15
N PHE A 17 21.56 5.06 15.23
CA PHE A 17 21.61 4.76 13.81
C PHE A 17 22.69 5.55 13.11
N LEU A 18 23.07 5.04 11.94
CA LEU A 18 23.95 5.73 11.00
C LEU A 18 23.16 5.96 9.72
N GLU A 19 22.99 7.22 9.33
CA GLU A 19 22.11 7.57 8.22
C GLU A 19 22.86 7.48 6.90
N VAL A 20 22.45 6.54 6.05
CA VAL A 20 23.16 6.22 4.82
C VAL A 20 22.73 7.12 3.67
N GLU A 21 21.42 7.20 3.43
CA GLU A 21 20.91 7.96 2.29
C GLU A 21 19.44 8.26 2.52
N LYS A 22 18.95 9.31 1.87
CA LYS A 22 17.53 9.62 1.83
C LYS A 22 16.91 8.87 0.67
N ILE A 23 15.80 8.17 0.93
CA ILE A 23 15.23 7.25 -0.04
C ILE A 23 13.81 7.61 -0.45
N GLY A 24 13.22 8.65 0.13
CA GLY A 24 11.88 9.05 -0.27
C GLY A 24 11.28 10.06 0.67
N VAL A 25 10.08 10.51 0.31
CA VAL A 25 9.32 11.49 1.06
C VAL A 25 7.85 11.10 0.99
N GLY A 26 7.17 11.12 2.13
CA GLY A 26 5.75 10.82 2.14
C GLY A 26 5.23 10.72 3.55
N GLU A 27 3.90 10.67 3.65
CA GLU A 27 3.18 10.73 4.91
C GLU A 27 3.76 11.83 5.81
N PHE A 28 4.01 12.99 5.20
CA PHE A 28 4.46 14.18 5.91
C PHE A 28 5.81 13.98 6.58
N GLY A 29 6.71 13.28 5.89
CA GLY A 29 8.03 13.03 6.43
C GLY A 29 9.04 12.68 5.36
N THR A 30 10.27 12.46 5.81
CA THR A 30 11.36 12.01 4.95
C THR A 30 11.88 10.68 5.46
N VAL A 31 12.16 9.75 4.55
CA VAL A 31 12.61 8.42 4.88
C VAL A 31 14.07 8.27 4.51
N TYR A 32 14.84 7.64 5.40
CA TYR A 32 16.26 7.40 5.19
C TYR A 32 16.57 5.93 5.46
N LYS A 33 17.40 5.33 4.61
CA LYS A 33 17.98 4.03 4.94
C LYS A 33 19.00 4.22 6.04
N CYS A 34 18.83 3.52 7.15
CA CYS A 34 19.67 3.68 8.31
C CYS A 34 20.16 2.32 8.79
N ILE A 35 21.43 2.25 9.13
CA ILE A 35 22.02 1.07 9.77
C ILE A 35 21.89 1.26 11.28
N LYS A 36 21.28 0.28 11.94
CA LYS A 36 21.23 0.29 13.40
C LYS A 36 22.60 -0.15 13.92
N ARG A 37 23.22 0.67 14.75
CA ARG A 37 24.62 0.47 15.10
C ARG A 37 24.83 -0.81 15.88
N LEU A 38 23.85 -1.20 16.70
CA LEU A 38 24.06 -2.30 17.64
C LEU A 38 23.91 -3.67 16.99
N ASP A 39 23.05 -3.81 15.97
CA ASP A 39 22.87 -5.09 15.31
C ASP A 39 23.30 -5.09 13.84
N GLY A 40 23.62 -3.93 13.27
CA GLY A 40 24.24 -3.88 11.95
C GLY A 40 23.32 -4.15 10.78
N CYS A 41 22.01 -4.23 11.01
CA CYS A 41 21.04 -4.41 9.95
C CYS A 41 20.57 -3.05 9.42
N VAL A 42 19.79 -3.08 8.35
CA VAL A 42 19.32 -1.86 7.68
C VAL A 42 17.85 -1.65 7.98
N TYR A 43 17.47 -0.41 8.24
CA TYR A 43 16.08 -0.05 8.51
C TYR A 43 15.70 1.17 7.68
N ALA A 44 14.41 1.28 7.39
CA ALA A 44 13.85 2.49 6.79
C ALA A 44 13.17 3.29 7.90
N ILE A 45 13.64 4.52 8.11
CA ILE A 45 13.19 5.38 9.20
C ILE A 45 12.63 6.67 8.60
N LYS A 46 11.39 7.00 8.95
CA LYS A 46 10.71 8.18 8.42
C LYS A 46 10.59 9.23 9.53
N ARG A 47 11.15 10.41 9.29
CA ARG A 47 11.14 11.50 10.25
C ARG A 47 10.06 12.49 9.86
N SER A 48 9.11 12.73 10.76
CA SER A 48 8.00 13.64 10.49
C SER A 48 8.51 15.04 10.18
N MET A 49 8.08 15.59 9.04
CA MET A 49 8.45 16.96 8.70
C MET A 49 7.72 17.98 9.57
N LYS A 50 6.67 17.58 10.26
CA LYS A 50 5.87 18.47 11.09
C LYS A 50 5.94 18.05 12.55
N THR A 51 5.22 18.81 13.38
CA THR A 51 5.19 18.70 14.83
C THR A 51 3.83 18.17 15.26
N PHE A 52 3.81 17.51 16.43
CA PHE A 52 2.57 16.99 16.99
C PHE A 52 1.65 18.13 17.42
N THR A 53 0.44 18.21 16.84
CA THR A 53 0.00 17.66 15.55
C THR A 53 -1.11 18.56 15.03
N GLU A 54 -2.22 17.93 14.63
CA GLU A 54 -3.39 18.65 14.15
C GLU A 54 -4.64 18.09 14.82
N LEU A 55 -5.78 18.12 14.12
CA LEU A 55 -6.97 17.43 14.60
C LEU A 55 -6.98 16.01 14.06
N SER A 56 -7.71 15.13 14.75
CA SER A 56 -7.68 13.71 14.44
C SER A 56 -8.40 13.39 13.13
N ASN A 57 -8.75 12.12 12.93
CA ASN A 57 -9.34 11.62 11.69
C ASN A 57 -8.38 11.82 10.52
N GLU A 58 -8.37 13.03 9.94
CA GLU A 58 -7.48 13.33 8.83
C GLU A 58 -6.07 13.60 9.34
N ASN A 59 -5.58 12.75 10.23
CA ASN A 59 -4.25 12.89 10.83
C ASN A 59 -3.47 11.61 10.51
N SER A 60 -2.49 11.74 9.63
CA SER A 60 -1.69 10.58 9.21
C SER A 60 -1.08 9.87 10.42
N ALA A 61 -0.35 10.62 11.25
CA ALA A 61 0.47 10.02 12.30
C ALA A 61 -0.36 9.16 13.25
N LEU A 62 -1.56 9.60 13.62
CA LEU A 62 -2.39 8.79 14.49
C LEU A 62 -2.85 7.52 13.80
N HIS A 63 -3.12 7.58 12.49
CA HIS A 63 -3.45 6.36 11.75
C HIS A 63 -2.29 5.39 11.76
N GLU A 64 -1.07 5.89 11.51
CA GLU A 64 0.12 5.03 11.56
C GLU A 64 0.31 4.44 12.95
N VAL A 65 0.11 5.27 13.99
CA VAL A 65 0.33 4.79 15.35
C VAL A 65 -0.72 3.75 15.72
N TYR A 66 -1.99 4.01 15.40
CA TYR A 66 -3.05 3.05 15.72
C TYR A 66 -2.84 1.73 14.98
N ALA A 67 -2.48 1.80 13.69
CA ALA A 67 -2.28 0.58 12.93
C ALA A 67 -1.11 -0.24 13.46
N HIS A 68 -0.01 0.41 13.83
CA HIS A 68 1.16 -0.30 14.29
C HIS A 68 0.95 -0.95 15.65
N ALA A 69 -0.03 -0.50 16.42
CA ALA A 69 -0.34 -1.14 17.69
C ALA A 69 -1.40 -2.22 17.57
N VAL A 70 -2.20 -2.18 16.50
CA VAL A 70 -3.21 -3.23 16.29
C VAL A 70 -2.59 -4.43 15.60
N LEU A 71 -1.83 -4.20 14.54
CA LEU A 71 -1.26 -5.29 13.76
C LEU A 71 0.02 -5.81 14.41
N GLY A 72 0.25 -7.10 14.26
CA GLY A 72 1.52 -7.73 14.59
C GLY A 72 2.47 -7.70 13.41
N HIS A 73 3.20 -8.79 13.22
CA HIS A 73 4.04 -8.95 12.05
C HIS A 73 3.45 -9.99 11.11
N HIS A 74 3.54 -9.72 9.82
CA HIS A 74 3.07 -10.62 8.78
C HIS A 74 4.05 -10.53 7.64
N PRO A 75 4.38 -11.66 6.99
CA PRO A 75 5.43 -11.64 5.96
C PRO A 75 5.14 -10.74 4.76
N HIS A 76 3.91 -10.22 4.62
CA HIS A 76 3.58 -9.35 3.50
C HIS A 76 3.10 -7.97 3.94
N VAL A 77 3.27 -7.63 5.20
CA VAL A 77 3.16 -6.26 5.69
C VAL A 77 4.55 -5.81 6.11
N VAL A 78 4.93 -4.60 5.69
CA VAL A 78 6.23 -4.07 6.07
C VAL A 78 6.33 -4.05 7.59
N ARG A 79 7.38 -4.67 8.12
CA ARG A 79 7.47 -4.88 9.56
C ARG A 79 7.75 -3.58 10.28
N TYR A 80 7.06 -3.38 11.40
CA TYR A 80 7.25 -2.23 12.27
C TYR A 80 8.08 -2.64 13.48
N TYR A 81 8.96 -1.73 13.91
CA TYR A 81 9.87 -2.00 15.03
C TYR A 81 9.64 -1.05 16.20
N SER A 82 9.84 0.24 16.00
CA SER A 82 9.75 1.22 17.08
C SER A 82 9.30 2.56 16.51
N SER A 83 8.82 3.42 17.41
CA SER A 83 8.39 4.76 17.05
C SER A 83 8.57 5.66 18.26
N TRP A 84 9.11 6.86 18.04
CA TRP A 84 9.36 7.79 19.13
C TRP A 84 9.35 9.22 18.59
N ALA A 85 9.63 10.18 19.46
CA ALA A 85 9.56 11.59 19.13
C ALA A 85 10.92 12.26 19.36
N GLU A 86 11.13 13.37 18.64
CA GLU A 86 12.37 14.13 18.73
C GLU A 86 12.05 15.59 18.41
N ASP A 87 12.16 16.46 19.41
CA ASP A 87 11.83 17.87 19.26
C ASP A 87 10.41 18.05 18.72
N ASP A 88 9.51 17.19 19.20
CA ASP A 88 8.09 17.10 18.84
C ASP A 88 7.87 16.52 17.45
N HIS A 89 8.89 15.95 16.80
CA HIS A 89 8.73 15.27 15.52
C HIS A 89 8.65 13.77 15.75
N MET A 90 7.72 13.12 15.06
CA MET A 90 7.59 11.67 15.15
C MET A 90 8.62 10.99 14.25
N ILE A 91 9.09 9.83 14.70
CA ILE A 91 10.09 9.05 13.99
C ILE A 91 9.62 7.59 13.96
N ILE A 92 9.46 7.03 12.76
CA ILE A 92 8.98 5.66 12.58
C ILE A 92 10.14 4.82 12.06
N GLN A 93 10.30 3.62 12.63
CA GLN A 93 11.37 2.71 12.24
C GLN A 93 10.74 1.41 11.74
N ASN A 94 10.90 1.14 10.45
CA ASN A 94 10.36 -0.07 9.84
C ASN A 94 11.48 -0.87 9.20
N GLU A 95 11.16 -2.13 8.86
CA GLU A 95 12.08 -2.95 8.11
C GLU A 95 12.39 -2.29 6.77
N TYR A 96 13.60 -2.56 6.26
CA TYR A 96 14.08 -1.94 5.03
C TYR A 96 13.93 -2.93 3.88
N CYS A 97 12.99 -2.65 2.98
CA CYS A 97 12.82 -3.44 1.78
C CYS A 97 13.82 -2.96 0.73
N ASN A 98 14.74 -3.84 0.35
CA ASN A 98 15.90 -3.48 -0.47
C ASN A 98 15.59 -3.46 -1.97
N GLY A 99 14.34 -3.69 -2.37
CA GLY A 99 13.99 -3.65 -3.77
C GLY A 99 13.17 -2.43 -4.13
N GLY A 100 12.89 -1.60 -3.13
CA GLY A 100 12.18 -0.36 -3.35
C GLY A 100 10.70 -0.58 -3.66
N SER A 101 10.10 0.47 -4.23
CA SER A 101 8.68 0.43 -4.53
C SER A 101 8.40 -0.53 -5.68
N LEU A 102 7.16 -1.00 -5.73
CA LEU A 102 6.67 -1.67 -6.93
C LEU A 102 6.44 -0.66 -8.03
N GLN A 103 6.05 0.56 -7.67
CA GLN A 103 5.89 1.64 -8.64
C GLN A 103 7.20 1.93 -9.36
N ALA A 104 8.32 1.89 -8.63
CA ALA A 104 9.62 2.17 -9.25
C ALA A 104 9.99 1.09 -10.26
N ALA A 105 9.63 -0.16 -9.98
CA ALA A 105 9.95 -1.23 -10.92
C ALA A 105 9.10 -1.13 -12.17
N ILE A 106 7.83 -0.71 -12.04
CA ILE A 106 6.97 -0.54 -13.21
C ILE A 106 7.50 0.58 -14.10
N SER A 107 8.07 1.62 -13.51
CA SER A 107 8.60 2.74 -14.31
C SER A 107 9.83 2.30 -15.10
N GLU A 108 10.83 1.72 -14.41
CA GLU A 108 12.00 1.21 -15.12
C GLU A 108 11.61 0.13 -16.11
N ASN A 109 10.51 -0.60 -15.83
CA ASN A 109 9.93 -1.48 -16.82
C ASN A 109 9.44 -0.69 -18.03
N THR A 110 8.58 0.31 -17.78
CA THR A 110 7.89 0.99 -18.87
C THR A 110 8.87 1.75 -19.76
N LYS A 111 9.84 2.45 -19.16
CA LYS A 111 10.80 3.19 -19.97
C LYS A 111 11.65 2.28 -20.82
N SER A 112 11.92 1.05 -20.35
CA SER A 112 12.73 0.09 -21.07
C SER A 112 11.92 -0.78 -22.02
N GLY A 113 10.72 -0.36 -22.38
CA GLY A 113 9.89 -1.07 -23.34
C GLY A 113 9.27 -2.36 -22.84
N ASN A 114 9.65 -2.86 -21.67
CA ASN A 114 9.14 -4.11 -21.16
C ASN A 114 7.96 -3.87 -20.24
N HIS A 115 7.42 -4.97 -19.71
CA HIS A 115 6.17 -4.98 -18.98
C HIS A 115 6.09 -6.25 -18.15
N PHE A 116 5.43 -6.16 -17.00
CA PHE A 116 5.26 -7.34 -16.18
C PHE A 116 4.31 -8.32 -16.87
N GLU A 117 4.68 -9.60 -16.85
CA GLU A 117 3.97 -10.63 -17.58
C GLU A 117 3.00 -11.36 -16.65
N GLU A 118 1.96 -11.95 -17.23
CA GLU A 118 0.89 -12.57 -16.46
C GLU A 118 1.37 -13.50 -15.35
N PRO A 119 2.38 -14.36 -15.54
CA PRO A 119 2.88 -15.14 -14.41
C PRO A 119 3.36 -14.28 -13.25
N LYS A 120 3.76 -13.05 -13.51
CA LYS A 120 4.21 -12.15 -12.44
C LYS A 120 3.13 -11.21 -11.93
N LEU A 121 2.19 -10.77 -12.78
CA LEU A 121 1.00 -10.10 -12.26
C LEU A 121 0.30 -10.98 -11.25
N LYS A 122 0.27 -12.29 -11.50
CA LYS A 122 -0.39 -13.22 -10.62
C LYS A 122 0.29 -13.27 -9.26
N ASP A 123 1.61 -13.42 -9.24
CA ASP A 123 2.32 -13.53 -7.97
C ASP A 123 2.35 -12.20 -7.23
N ILE A 124 2.36 -11.08 -7.95
CA ILE A 124 2.29 -9.77 -7.29
C ILE A 124 0.99 -9.66 -6.51
N LEU A 125 -0.11 -10.13 -7.11
CA LEU A 125 -1.43 -9.99 -6.52
C LEU A 125 -1.66 -11.02 -5.42
N LEU A 126 -1.15 -12.23 -5.61
CA LEU A 126 -1.31 -13.26 -4.59
C LEU A 126 -0.64 -12.86 -3.29
N GLN A 127 0.62 -12.43 -3.37
CA GLN A 127 1.37 -12.08 -2.17
C GLN A 127 0.76 -10.87 -1.47
N ILE A 128 0.34 -9.86 -2.23
CA ILE A 128 -0.32 -8.71 -1.64
C ILE A 128 -1.65 -9.14 -1.01
N SER A 129 -2.39 -10.01 -1.70
CA SER A 129 -3.66 -10.51 -1.16
C SER A 129 -3.45 -11.20 0.19
N LEU A 130 -2.36 -11.95 0.33
CA LEU A 130 -2.05 -12.57 1.62
C LEU A 130 -1.82 -11.51 2.69
N GLY A 131 -1.09 -10.45 2.35
CA GLY A 131 -0.89 -9.37 3.30
C GLY A 131 -2.14 -8.58 3.59
N LEU A 132 -3.00 -8.42 2.58
CA LEU A 132 -4.27 -7.73 2.79
C LEU A 132 -5.19 -8.53 3.70
N ASN A 133 -5.12 -9.86 3.60
CA ASN A 133 -5.98 -10.71 4.43
C ASN A 133 -5.62 -10.57 5.90
N TYR A 134 -4.33 -10.51 6.22
CA TYR A 134 -3.91 -10.35 7.61
C TYR A 134 -4.44 -9.04 8.20
N ILE A 135 -4.44 -7.97 7.40
CA ILE A 135 -4.93 -6.68 7.87
C ILE A 135 -6.42 -6.77 8.15
N HIS A 136 -7.18 -7.34 7.22
CA HIS A 136 -8.63 -7.42 7.39
C HIS A 136 -9.01 -8.41 8.49
N ASN A 137 -8.26 -9.52 8.60
CA ASN A 137 -8.51 -10.46 9.69
C ASN A 137 -8.16 -9.86 11.04
N SER A 138 -7.40 -8.78 11.06
CA SER A 138 -7.22 -7.96 12.25
C SER A 138 -8.24 -6.83 12.32
N SER A 139 -9.34 -6.93 11.57
CA SER A 139 -10.39 -5.91 11.56
C SER A 139 -9.84 -4.51 11.23
N MET A 140 -8.76 -4.46 10.46
CA MET A 140 -8.21 -3.21 9.95
C MET A 140 -8.43 -3.14 8.44
N VAL A 141 -8.21 -1.95 7.88
CA VAL A 141 -8.36 -1.72 6.45
C VAL A 141 -7.32 -0.69 6.03
N HIS A 142 -6.72 -0.90 4.86
CA HIS A 142 -5.54 -0.13 4.46
C HIS A 142 -5.90 1.28 3.98
N LEU A 143 -6.72 1.36 2.93
CA LEU A 143 -7.29 2.61 2.39
C LEU A 143 -6.30 3.48 1.63
N ASP A 144 -5.20 2.91 1.13
CA ASP A 144 -4.30 3.65 0.24
C ASP A 144 -3.47 2.67 -0.59
N ILE A 145 -4.10 1.58 -1.02
CA ILE A 145 -3.38 0.55 -1.77
C ILE A 145 -3.02 1.09 -3.15
N LYS A 146 -1.74 1.08 -3.46
CA LYS A 146 -1.23 1.49 -4.76
C LYS A 146 0.23 1.03 -4.85
N PRO A 147 0.79 0.97 -6.06
CA PRO A 147 2.17 0.48 -6.19
C PRO A 147 3.19 1.31 -5.42
N SER A 148 2.88 2.57 -5.11
CA SER A 148 3.75 3.38 -4.27
C SER A 148 3.97 2.72 -2.92
N ASN A 149 2.92 2.12 -2.35
CA ASN A 149 2.96 1.58 -1.00
C ASN A 149 3.12 0.06 -0.99
N ILE A 150 3.67 -0.52 -2.06
CA ILE A 150 4.05 -1.92 -2.09
C ILE A 150 5.56 -1.98 -2.27
N PHE A 151 6.23 -2.75 -1.41
CA PHE A 151 7.68 -2.76 -1.35
C PHE A 151 8.21 -4.16 -1.62
N ILE A 152 9.37 -4.20 -2.28
CA ILE A 152 9.98 -5.44 -2.77
C ILE A 152 11.18 -5.76 -1.90
N CYS A 153 11.31 -7.02 -1.49
CA CYS A 153 12.48 -7.46 -0.74
C CYS A 153 13.27 -8.49 -1.54
N HIS A 154 14.55 -8.60 -1.21
CA HIS A 154 15.51 -9.42 -1.92
C HIS A 154 15.48 -9.12 -3.42
N LYS A 155 16.04 -7.96 -3.75
CA LYS A 155 16.11 -7.48 -5.12
C LYS A 155 17.26 -6.50 -5.28
N VAL A 179 11.68 -13.55 -3.88
CA VAL A 179 11.22 -12.17 -4.05
C VAL A 179 9.81 -12.04 -3.49
N MET A 180 9.61 -11.07 -2.59
CA MET A 180 8.34 -10.95 -1.90
C MET A 180 7.91 -9.49 -1.79
N TYR A 181 6.62 -9.26 -2.01
CA TYR A 181 6.02 -7.93 -1.94
C TYR A 181 5.36 -7.72 -0.58
N LYS A 182 5.53 -6.52 -0.03
CA LYS A 182 4.92 -6.16 1.24
C LYS A 182 4.20 -4.83 1.16
N ILE A 183 3.14 -4.71 1.95
CA ILE A 183 2.32 -3.51 2.00
C ILE A 183 2.89 -2.56 3.04
N GLY A 184 3.00 -1.28 2.67
CA GLY A 184 3.49 -0.25 3.56
C GLY A 184 2.59 0.97 3.54
N ASP A 185 2.99 1.99 4.29
CA ASP A 185 2.21 3.22 4.45
C ASP A 185 0.86 2.89 5.07
N LEU A 186 0.74 3.03 6.39
CA LEU A 186 -0.54 2.89 7.07
C LEU A 186 -1.08 4.22 7.55
N GLY A 187 -0.72 5.31 6.87
CA GLY A 187 -1.27 6.62 7.19
C GLY A 187 -2.75 6.75 6.87
N HIS A 188 -3.31 5.81 6.11
CA HIS A 188 -4.74 5.82 5.81
C HIS A 188 -5.48 4.67 6.51
N ALA A 189 -4.80 3.89 7.35
CA ALA A 189 -5.39 2.71 7.95
C ALA A 189 -6.34 3.08 9.09
N THR A 190 -7.26 2.16 9.39
CA THR A 190 -8.30 2.42 10.37
C THR A 190 -8.91 1.09 10.79
N SER A 191 -9.53 1.09 11.98
CA SER A 191 -10.36 -0.03 12.41
C SER A 191 -11.59 -0.18 11.51
N ILE A 192 -12.07 -1.41 11.40
CA ILE A 192 -13.27 -1.67 10.60
C ILE A 192 -14.51 -1.22 11.35
N ASN A 193 -14.55 -1.42 12.67
CA ASN A 193 -15.77 -1.26 13.45
C ASN A 193 -16.18 0.20 13.61
N LYS A 194 -15.31 1.03 14.18
CA LYS A 194 -15.56 2.47 14.27
C LYS A 194 -14.56 3.19 13.37
N PRO A 195 -14.88 3.38 12.09
CA PRO A 195 -13.88 3.88 11.15
C PRO A 195 -13.77 5.40 11.14
N LYS A 196 -12.54 5.87 10.97
CA LYS A 196 -12.20 7.26 10.69
C LYS A 196 -11.51 7.26 9.33
N VAL A 197 -12.19 7.79 8.32
CA VAL A 197 -11.80 7.60 6.92
C VAL A 197 -11.26 8.90 6.35
N GLU A 198 -10.03 8.86 5.86
CA GLU A 198 -9.52 9.83 4.90
C GLU A 198 -9.21 9.09 3.62
N GLU A 199 -9.88 9.45 2.53
CA GLU A 199 -9.76 8.71 1.29
C GLU A 199 -8.34 8.79 0.74
N GLY A 200 -7.86 7.68 0.20
CA GLY A 200 -6.51 7.59 -0.32
C GLY A 200 -6.38 8.25 -1.68
N ASP A 201 -5.37 7.80 -2.42
CA ASP A 201 -5.13 8.27 -3.77
C ASP A 201 -6.38 8.08 -4.62
N SER A 202 -6.78 9.12 -5.34
CA SER A 202 -8.03 9.09 -6.09
C SER A 202 -7.97 8.14 -7.27
N ARG A 203 -6.80 7.99 -7.89
CA ARG A 203 -6.65 7.08 -9.03
C ARG A 203 -6.84 5.62 -8.65
N PHE A 204 -6.80 5.28 -7.36
CA PHE A 204 -7.07 3.93 -6.89
C PHE A 204 -8.28 3.91 -5.95
N LEU A 205 -9.09 4.95 -5.99
CA LEU A 205 -10.15 5.18 -5.03
C LEU A 205 -11.47 4.63 -5.57
N ALA A 206 -12.11 3.74 -4.80
CA ALA A 206 -13.40 3.20 -5.18
C ALA A 206 -14.49 4.24 -4.92
N ASN A 207 -15.40 4.37 -5.87
CA ASN A 207 -16.47 5.37 -5.76
C ASN A 207 -17.34 5.13 -4.54
N GLU A 208 -17.45 3.88 -4.10
CA GLU A 208 -18.20 3.58 -2.88
C GLU A 208 -17.64 4.34 -1.69
N ILE A 209 -16.32 4.51 -1.64
CA ILE A 209 -15.70 5.27 -0.57
C ILE A 209 -15.94 6.77 -0.77
N LEU A 210 -15.83 7.24 -2.01
CA LEU A 210 -16.01 8.66 -2.28
C LEU A 210 -17.41 9.14 -1.90
N GLN A 211 -18.41 8.27 -1.98
CA GLN A 211 -19.76 8.62 -1.57
C GLN A 211 -20.03 8.32 -0.10
N GLU A 212 -18.98 8.08 0.69
CA GLU A 212 -19.07 7.91 2.14
C GLU A 212 -19.91 6.70 2.53
N ASP A 213 -19.86 5.64 1.72
CA ASP A 213 -20.54 4.38 2.04
C ASP A 213 -19.47 3.42 2.55
N TYR A 214 -19.27 3.40 3.87
CA TYR A 214 -18.28 2.53 4.51
C TYR A 214 -18.87 1.20 4.95
N ARG A 215 -19.91 0.72 4.27
CA ARG A 215 -20.57 -0.51 4.70
C ARG A 215 -19.66 -1.73 4.53
N HIS A 216 -18.70 -1.68 3.60
CA HIS A 216 -17.76 -2.77 3.34
C HIS A 216 -16.42 -2.14 2.94
N LEU A 217 -15.74 -1.57 3.93
CA LEU A 217 -14.44 -0.94 3.71
C LEU A 217 -13.38 -1.88 3.15
N PRO A 218 -13.24 -3.13 3.60
CA PRO A 218 -12.19 -3.99 3.04
C PRO A 218 -12.26 -4.14 1.53
N LYS A 219 -13.46 -4.01 0.94
CA LYS A 219 -13.60 -4.16 -0.50
C LYS A 219 -12.97 -2.99 -1.25
N ALA A 220 -12.68 -1.88 -0.57
CA ALA A 220 -12.02 -0.76 -1.22
C ALA A 220 -10.54 -1.04 -1.48
N ASP A 221 -9.88 -1.80 -0.60
CA ASP A 221 -8.53 -2.26 -0.89
C ASP A 221 -8.53 -3.23 -2.06
N ILE A 222 -9.50 -4.16 -2.08
CA ILE A 222 -9.66 -5.06 -3.22
C ILE A 222 -9.73 -4.26 -4.51
N PHE A 223 -10.57 -3.23 -4.52
CA PHE A 223 -10.70 -2.36 -5.69
C PHE A 223 -9.36 -1.73 -6.06
N ALA A 224 -8.71 -1.09 -5.08
CA ALA A 224 -7.41 -0.47 -5.35
C ALA A 224 -6.38 -1.50 -5.81
N LEU A 225 -6.45 -2.71 -5.27
CA LEU A 225 -5.52 -3.76 -5.69
C LEU A 225 -5.76 -4.13 -7.15
N GLY A 226 -7.04 -4.27 -7.53
CA GLY A 226 -7.35 -4.52 -8.93
C GLY A 226 -6.73 -3.49 -9.85
N LEU A 227 -6.80 -2.22 -9.48
CA LEU A 227 -6.14 -1.18 -10.27
C LEU A 227 -4.62 -1.25 -10.12
N THR A 228 -4.12 -1.60 -8.93
CA THR A 228 -2.67 -1.74 -8.75
C THR A 228 -2.10 -2.77 -9.70
N ILE A 229 -2.77 -3.93 -9.81
CA ILE A 229 -2.34 -4.96 -10.75
C ILE A 229 -2.45 -4.45 -12.19
N ALA A 230 -3.45 -3.60 -12.46
CA ALA A 230 -3.55 -3.01 -13.79
C ALA A 230 -2.34 -2.15 -14.09
N VAL A 231 -1.88 -1.35 -13.12
CA VAL A 231 -0.68 -0.57 -13.38
C VAL A 231 0.50 -1.49 -13.66
N ALA A 232 0.60 -2.63 -12.97
CA ALA A 232 1.76 -3.49 -13.17
C ALA A 232 1.74 -4.20 -14.53
N ALA A 233 0.55 -4.51 -15.05
CA ALA A 233 0.47 -5.12 -16.38
C ALA A 233 0.93 -4.18 -17.48
N GLY A 234 0.94 -2.86 -17.23
CA GLY A 234 1.43 -1.91 -18.20
C GLY A 234 0.38 -0.91 -18.66
N ALA A 235 -0.68 -0.75 -17.86
CA ALA A 235 -1.73 0.19 -18.22
C ALA A 235 -1.19 1.61 -18.26
N GLU A 236 -1.94 2.48 -18.93
CA GLU A 236 -1.58 3.90 -18.97
C GLU A 236 -1.64 4.49 -17.57
N SER A 237 -1.03 5.67 -17.41
CA SER A 237 -1.12 6.39 -16.15
C SER A 237 -2.58 6.69 -15.83
N LEU A 238 -3.02 6.28 -14.64
CA LEU A 238 -4.43 6.22 -14.32
C LEU A 238 -5.07 7.61 -14.36
N PRO A 239 -6.35 7.69 -14.71
CA PRO A 239 -7.01 9.01 -14.78
C PRO A 239 -7.29 9.56 -13.40
N THR A 240 -7.23 10.88 -13.29
CA THR A 240 -7.42 11.54 -12.00
C THR A 240 -8.90 11.78 -11.70
N ASN A 241 -9.68 12.15 -12.70
CA ASN A 241 -11.08 12.54 -12.50
C ASN A 241 -11.81 12.41 -13.83
N GLY A 242 -13.07 12.84 -13.85
CA GLY A 242 -13.81 12.94 -15.10
C GLY A 242 -14.47 11.67 -15.58
N ALA A 243 -14.69 11.58 -16.90
CA ALA A 243 -15.37 10.42 -17.46
C ALA A 243 -14.48 9.19 -17.43
N ALA A 244 -13.19 9.34 -17.75
CA ALA A 244 -12.27 8.21 -17.69
C ALA A 244 -12.23 7.61 -16.29
N TRP A 245 -12.31 8.46 -15.26
CA TRP A 245 -12.44 7.97 -13.90
C TRP A 245 -13.78 7.26 -13.71
N HIS A 246 -14.88 7.94 -14.04
CA HIS A 246 -16.21 7.36 -13.86
C HIS A 246 -16.41 6.12 -14.72
N HIS A 247 -15.73 6.06 -15.87
CA HIS A 247 -15.80 4.86 -16.70
C HIS A 247 -15.20 3.66 -16.00
N ILE A 248 -14.12 3.87 -15.24
CA ILE A 248 -13.41 2.75 -14.62
C ILE A 248 -14.23 2.13 -13.50
N ARG A 249 -14.90 2.97 -12.69
CA ARG A 249 -15.68 2.50 -11.56
C ARG A 249 -17.02 1.89 -11.95
N LYS A 250 -17.30 1.74 -13.25
CA LYS A 250 -18.41 0.92 -13.72
C LYS A 250 -17.96 -0.49 -14.06
N GLY A 251 -16.92 -0.98 -13.38
CA GLY A 251 -16.34 -2.28 -13.68
C GLY A 251 -15.48 -2.31 -14.93
N ASN A 252 -15.33 -1.19 -15.63
CA ASN A 252 -14.57 -1.17 -16.88
C ASN A 252 -13.09 -1.15 -16.55
N PHE A 253 -12.44 -2.28 -16.76
CA PHE A 253 -11.01 -2.40 -16.50
C PHE A 253 -10.24 -1.44 -17.41
N PRO A 254 -9.20 -0.78 -16.90
CA PRO A 254 -8.41 0.10 -17.77
C PRO A 254 -7.72 -0.68 -18.86
N ASP A 255 -7.50 -0.02 -20.00
CA ASP A 255 -6.84 -0.66 -21.13
C ASP A 255 -5.38 -0.91 -20.80
N VAL A 256 -4.93 -2.14 -21.00
CA VAL A 256 -3.53 -2.51 -20.83
C VAL A 256 -3.02 -3.09 -22.14
N PRO A 257 -2.01 -2.48 -22.77
CA PRO A 257 -1.40 -3.10 -23.95
C PRO A 257 -0.76 -4.44 -23.61
N GLN A 258 -1.60 -5.46 -23.46
CA GLN A 258 -1.21 -6.81 -23.06
C GLN A 258 -2.44 -7.71 -23.07
N GLU A 259 -2.28 -8.96 -23.46
CA GLU A 259 -3.37 -9.94 -23.45
C GLU A 259 -3.13 -10.95 -22.34
N LEU A 260 -4.16 -11.18 -21.53
CA LEU A 260 -4.08 -12.08 -20.40
C LEU A 260 -5.22 -13.09 -20.45
N SER A 261 -5.05 -14.16 -19.69
CA SER A 261 -6.09 -15.18 -19.57
C SER A 261 -7.39 -14.57 -19.09
N GLU A 262 -8.47 -14.82 -19.83
CA GLU A 262 -9.77 -14.31 -19.43
C GLU A 262 -10.32 -15.00 -18.19
N SER A 263 -9.75 -16.15 -17.80
CA SER A 263 -9.97 -16.66 -16.45
C SER A 263 -9.34 -15.72 -15.43
N PHE A 264 -8.10 -15.27 -15.70
CA PHE A 264 -7.47 -14.26 -14.87
C PHE A 264 -8.12 -12.90 -15.07
N SER A 265 -8.41 -12.55 -16.33
CA SER A 265 -8.98 -11.23 -16.62
C SER A 265 -10.36 -11.06 -16.01
N SER A 266 -11.10 -12.17 -15.82
CA SER A 266 -12.39 -12.08 -15.17
C SER A 266 -12.23 -11.79 -13.68
N LEU A 267 -11.32 -12.51 -13.02
CA LEU A 267 -11.04 -12.23 -11.61
C LEU A 267 -10.65 -10.77 -11.41
N LEU A 268 -9.86 -10.20 -12.34
CA LEU A 268 -9.37 -8.84 -12.17
C LEU A 268 -10.50 -7.82 -12.21
N LYS A 269 -11.50 -8.06 -13.08
CA LYS A 269 -12.61 -7.13 -13.21
C LYS A 269 -13.67 -7.36 -12.13
N ASN A 270 -13.72 -8.56 -11.55
CA ASN A 270 -14.49 -8.75 -10.33
C ASN A 270 -13.91 -7.98 -9.15
N MET A 271 -12.70 -7.45 -9.26
CA MET A 271 -12.12 -6.67 -8.17
C MET A 271 -12.47 -5.20 -8.25
N ILE A 272 -12.68 -4.68 -9.45
CA ILE A 272 -13.08 -3.30 -9.61
C ILE A 272 -14.57 -3.15 -9.83
N GLN A 273 -15.31 -4.26 -9.76
CA GLN A 273 -16.72 -4.24 -10.11
C GLN A 273 -17.47 -3.26 -9.22
N PRO A 274 -18.49 -2.59 -9.74
CA PRO A 274 -19.17 -1.55 -8.95
C PRO A 274 -20.04 -2.16 -7.86
N ASP A 275 -19.80 -1.73 -6.63
CA ASP A 275 -20.65 -1.98 -5.47
C ASP A 275 -21.06 -3.43 -5.26
N ALA A 276 -20.52 -4.11 -4.24
CA ALA A 276 -19.56 -3.60 -3.27
C ALA A 276 -19.03 -4.81 -2.53
N GLU A 277 -19.93 -5.43 -1.78
CA GLU A 277 -19.67 -6.71 -1.12
C GLU A 277 -19.51 -7.85 -2.10
N GLN A 278 -19.73 -7.61 -3.40
CA GLN A 278 -19.62 -8.68 -4.39
C GLN A 278 -18.17 -9.04 -4.68
N ARG A 279 -17.26 -8.09 -4.53
CA ARG A 279 -15.87 -8.33 -4.86
C ARG A 279 -15.26 -9.37 -3.92
N PRO A 280 -14.32 -10.18 -4.41
CA PRO A 280 -13.79 -11.27 -3.58
C PRO A 280 -13.03 -10.75 -2.38
N SER A 281 -13.16 -11.47 -1.27
CA SER A 281 -12.40 -11.15 -0.07
C SER A 281 -10.93 -11.53 -0.27
N ALA A 282 -10.07 -10.89 0.52
CA ALA A 282 -8.65 -11.20 0.44
C ALA A 282 -8.37 -12.66 0.76
N ALA A 283 -9.21 -13.28 1.59
CA ALA A 283 -9.11 -14.73 1.80
C ALA A 283 -9.59 -15.48 0.57
N ALA A 284 -10.75 -15.10 0.03
CA ALA A 284 -11.24 -15.72 -1.19
C ALA A 284 -10.30 -15.51 -2.37
N LEU A 285 -9.37 -14.56 -2.24
CA LEU A 285 -8.32 -14.34 -3.22
C LEU A 285 -7.09 -15.17 -2.93
N ALA A 286 -6.76 -15.36 -1.64
CA ALA A 286 -5.64 -16.18 -1.22
C ALA A 286 -5.93 -17.67 -1.36
N ARG A 287 -7.15 -18.04 -1.77
CA ARG A 287 -7.49 -19.43 -2.05
C ARG A 287 -7.59 -19.72 -3.54
N ASN A 288 -7.78 -18.70 -4.37
CA ASN A 288 -8.17 -18.89 -5.76
C ASN A 288 -7.03 -19.56 -6.54
N THR A 289 -7.30 -20.77 -7.05
CA THR A 289 -6.32 -21.54 -7.80
C THR A 289 -5.95 -20.88 -9.12
N VAL A 290 -6.71 -19.88 -9.58
CA VAL A 290 -6.25 -19.07 -10.71
C VAL A 290 -4.88 -18.48 -10.40
N LEU A 291 -4.71 -18.00 -9.17
CA LEU A 291 -3.43 -17.43 -8.74
C LEU A 291 -2.45 -18.55 -8.41
C01 8X7 B . 16.62 6.19 -6.02
N02 8X7 B . 15.92 5.14 -5.22
C03 8X7 B . 14.57 5.56 -4.74
C04 8X7 B . 13.83 4.37 -4.07
N05 8X7 B . 14.64 3.65 -3.09
C06 8X7 B . 15.96 3.30 -3.60
C07 8X7 B . 16.72 4.55 -4.11
C08 8X7 B . 14.03 2.91 -2.09
C09 8X7 B . 12.65 3.02 -1.78
C10 8X7 B . 12.04 2.26 -0.76
C11 8X7 B . 12.79 1.34 0.00
N12 8X7 B . 12.33 0.54 1.02
C13 8X7 B . 11.40 0.79 1.99
N14 8X7 B . 11.17 -0.15 2.95
C15 8X7 B . 10.25 0.03 3.95
C16 8X7 B . 9.52 1.23 3.99
C17 8X7 B . 8.52 1.76 4.84
O18 8X7 B . 7.97 1.26 5.88
N19 8X7 B . 8.22 3.01 4.34
C20 8X7 B . 7.21 3.89 4.91
C21 8X7 B . 7.17 4.03 6.37
C22 8X7 B . 8.27 4.16 7.10
N23 8X7 B . 8.96 3.25 3.25
C24 8X7 B . 9.76 2.18 3.02
N25 8X7 B . 10.68 1.94 2.06
C26 8X7 B . 8.99 4.34 2.42
N27 8X7 B . 7.86 5.06 2.25
C28 8X7 B . 7.70 6.15 1.49
C29 8X7 B . 8.82 6.61 0.73
C30 8X7 B . 10.03 5.89 0.84
C31 8X7 B . 10.13 4.77 1.68
C32 8X7 B . 6.36 6.81 1.48
C33 8X7 B . 6.15 7.81 0.31
C34 8X7 B . 6.13 7.46 2.87
O35 8X7 B . 5.35 5.79 1.34
C36 8X7 B . 14.16 1.22 -0.30
C37 8X7 B . 14.77 1.98 -1.31
P PO4 C . 4.84 3.91 8.09
O1 PO4 C . 6.04 4.07 7.15
O2 PO4 C . 3.57 4.30 7.37
O3 PO4 C . 4.99 4.78 9.30
O4 PO4 C . 4.71 2.47 8.53
P PO4 D . 3.13 -4.00 11.21
O1 PO4 D . 3.51 -3.04 10.11
O2 PO4 D . 2.71 -3.22 12.43
O3 PO4 D . 4.32 -4.88 11.55
O4 PO4 D . 1.97 -4.86 10.73
P PO4 E . -1.79 9.64 -0.52
O1 PO4 E . -1.15 10.85 -1.14
O2 PO4 E . -1.12 8.39 -1.06
O3 PO4 E . -1.63 9.69 0.98
O4 PO4 E . -3.27 9.62 -0.86
#